data_5W5C
#
_entry.id   5W5C
#
_cell.length_a   85.663
_cell.length_b   89.683
_cell.length_c   91.728
_cell.angle_alpha   90.000
_cell.angle_beta   90.000
_cell.angle_gamma   90.000
#
_symmetry.space_group_name_H-M   'P 21 21 2'
#
loop_
_entity.id
_entity.type
_entity.pdbx_description
1 polymer 'Vesicle-associated membrane protein 2'
2 polymer Syntaxin-1A
3 polymer 'Synaptosomal-associated protein 25'
4 polymer 'Synaptosomal-associated protein 25'
5 polymer Complexin-1
6 polymer Synaptotagmin-1
7 non-polymer 'MAGNESIUM ION'
8 non-polymer GLYCEROL
9 water water
#
loop_
_entity_poly.entity_id
_entity_poly.type
_entity_poly.pdbx_seq_one_letter_code
_entity_poly.pdbx_strand_id
1 'polypeptide(L)' GSNRRLQQTQAQVDEVVDIMRVNVDKVLERDQKLSELDDR A
2 'polypeptide(L)' MALSEIETRHSEIIKLENSIRELHDMFMDMAMLVESQGEMIDRIEYNVEHAVDYVERAVSDTKKAVK B
3 'polypeptide(L)' MRNELEEMQRRADQLADESLESTRRMLQLVEESKDAGIRTLVMLDEQGEQLDRVEEGMNHINQDMKEAEKNLKDLGK C
4 'polypeptide(L)' MARENEMDENLEQVSGIIGNLRHMALDMGNEIDTQNRQIDRIMEKADSNKTRIDEANQRATKMLG D
5 'polypeptide(L)'
;MEFVMKQALGGATKDMGKMLGGDEEKDPDAAKKEEERQEALRQAEEERKAKYAKMEAEREVMRQGIRDKYGIKKKEEREA
EAQ
;
E
6 'polypeptide(L)'
;EKLGKLQYSLDYDFQNNQLLVGIIQAAELPALDMGGTSDPYVKVFLLPDKKKKFETKVHRKTLNPVFNEQFTFKVPYSEL
GGKTLVMAVYDFDRFSKHDIIGEFKVPMNTVDFGHVTEEWRDLQSAEKEEQEKLGDICFSLRYVPTAGKLTVVILEAKNL
KKMDVGGLSDPYVKIHLMQNGKRLKKKKTTIKKNTLNPYYNESFSFEVPFEQIQKVQVVVTVLDYDKIGKNDAIGKVFVG
YNSTGAELRHWSDMLANPRRPIAQWHTLQVEEEVDAMLAVKK
;
F
#
loop_
_chem_comp.id
_chem_comp.type
_chem_comp.name
_chem_comp.formula
GOL non-polymer GLYCEROL 'C3 H8 O3'
MG non-polymer 'MAGNESIUM ION' 'Mg 2'
#
# COMPACT_ATOMS: atom_id res chain seq x y z
N ASN A 3 -26.46 -20.30 -15.43
CA ASN A 3 -25.37 -20.05 -16.40
C ASN A 3 -25.34 -18.55 -16.75
N ARG A 4 -26.50 -18.03 -17.15
CA ARG A 4 -26.65 -16.57 -17.17
C ARG A 4 -26.54 -16.03 -15.74
N ARG A 5 -27.15 -16.70 -14.79
CA ARG A 5 -27.08 -16.24 -13.40
C ARG A 5 -25.64 -16.14 -12.95
N LEU A 6 -24.83 -17.16 -13.25
CA LEU A 6 -23.42 -17.15 -12.89
C LEU A 6 -22.67 -15.99 -13.55
N GLN A 7 -22.83 -15.84 -14.84
CA GLN A 7 -22.15 -14.77 -15.59
C GLN A 7 -22.59 -13.36 -15.13
N GLN A 8 -23.88 -13.18 -14.91
CA GLN A 8 -24.38 -11.93 -14.36
C GLN A 8 -23.78 -11.66 -12.98
N THR A 9 -23.83 -12.66 -12.10
CA THR A 9 -23.36 -12.46 -10.74
C THR A 9 -21.87 -12.17 -10.72
N GLN A 10 -21.09 -12.90 -11.54
CA GLN A 10 -19.66 -12.59 -11.63
C GLN A 10 -19.44 -11.15 -12.11
N ALA A 11 -20.22 -10.71 -13.09
CA ALA A 11 -20.09 -9.33 -13.62
C ALA A 11 -20.47 -8.28 -12.57
N GLN A 12 -21.46 -8.58 -11.74
CA GLN A 12 -21.77 -7.71 -10.61
C GLN A 12 -20.64 -7.64 -9.63
N VAL A 13 -20.12 -8.81 -9.24
CA VAL A 13 -19.02 -8.80 -8.27
C VAL A 13 -17.84 -8.00 -8.84
N ASP A 14 -17.51 -8.24 -10.11
CA ASP A 14 -16.41 -7.49 -10.73
C ASP A 14 -16.62 -5.99 -10.63
N GLU A 15 -17.85 -5.51 -10.90
CA GLU A 15 -18.11 -4.08 -10.76
C GLU A 15 -17.87 -3.58 -9.34
N VAL A 16 -18.40 -4.29 -8.33
CA VAL A 16 -18.17 -3.80 -6.96
C VAL A 16 -16.71 -3.86 -6.57
N VAL A 17 -16.01 -4.93 -6.99
CA VAL A 17 -14.57 -4.96 -6.71
C VAL A 17 -13.87 -3.76 -7.29
N ASP A 18 -14.19 -3.40 -8.55
CA ASP A 18 -13.61 -2.20 -9.17
CA ASP A 18 -13.59 -2.22 -9.15
C ASP A 18 -13.90 -0.95 -8.35
N ILE A 19 -15.17 -0.81 -7.88
CA ILE A 19 -15.47 0.37 -7.06
C ILE A 19 -14.69 0.34 -5.75
N MET A 20 -14.63 -0.84 -5.09
CA MET A 20 -14.01 -0.86 -3.76
C MET A 20 -12.52 -0.67 -3.88
N ARG A 21 -11.92 -1.13 -4.98
CA ARG A 21 -10.50 -0.87 -5.17
C ARG A 21 -10.24 0.63 -5.17
N VAL A 22 -11.07 1.38 -5.92
CA VAL A 22 -10.97 2.85 -5.86
C VAL A 22 -11.19 3.37 -4.43
N ASN A 23 -12.20 2.82 -3.73
CA ASN A 23 -12.43 3.26 -2.35
C ASN A 23 -11.25 2.98 -1.44
N VAL A 24 -10.61 1.82 -1.60
CA VAL A 24 -9.50 1.46 -0.71
C VAL A 24 -8.32 2.42 -0.94
N ASP A 25 -8.02 2.71 -2.19
CA ASP A 25 -7.07 3.78 -2.53
C ASP A 25 -7.39 5.10 -1.81
N LYS A 26 -8.65 5.59 -1.96
CA LYS A 26 -9.06 6.83 -1.31
C LYS A 26 -8.91 6.77 0.20
N VAL A 27 -9.22 5.62 0.80
CA VAL A 27 -9.14 5.60 2.26
C VAL A 27 -7.70 5.44 2.72
N LEU A 28 -6.79 4.94 1.86
CA LEU A 28 -5.36 4.97 2.20
C LEU A 28 -4.80 6.40 2.14
N GLU A 29 -5.21 7.18 1.15
CA GLU A 29 -4.95 8.63 1.22
C GLU A 29 -5.47 9.21 2.54
N ARG A 30 -6.72 8.90 2.86
CA ARG A 30 -7.29 9.40 4.11
C ARG A 30 -6.42 9.02 5.29
N ASP A 31 -5.91 7.78 5.28
CA ASP A 31 -5.08 7.30 6.39
C ASP A 31 -3.80 8.10 6.48
N GLN A 32 -3.19 8.40 5.34
CA GLN A 32 -1.97 9.19 5.31
C GLN A 32 -2.21 10.57 5.92
N LYS A 33 -3.21 11.30 5.41
CA LYS A 33 -3.48 12.65 5.91
C LYS A 33 -3.81 12.67 7.41
N LEU A 34 -4.62 11.72 7.88
CA LEU A 34 -5.00 11.71 9.29
C LEU A 34 -3.83 11.33 10.19
N SER A 35 -3.04 10.32 9.80
CA SER A 35 -1.81 9.99 10.53
C SER A 35 -0.92 11.22 10.64
N GLU A 36 -0.80 11.97 9.55
CA GLU A 36 -0.08 13.25 9.61
C GLU A 36 -0.67 14.16 10.68
N LEU A 37 -1.97 14.44 10.61
CA LEU A 37 -2.55 15.38 11.56
C LEU A 37 -2.40 14.94 13.01
N ASP A 38 -2.23 13.63 13.26
CA ASP A 38 -2.37 13.05 14.59
C ASP A 38 -1.06 13.02 15.38
N ASP A 39 0.00 12.42 14.83
CA ASP A 39 1.21 12.11 15.60
C ASP A 39 1.87 13.33 16.22
N ARG A 40 1.34 14.53 15.95
CA ARG A 40 1.83 15.77 16.56
C ARG A 40 1.88 15.69 18.08
N ALA B 2 -19.94 -34.77 -21.64
CA ALA B 2 -20.64 -33.71 -20.91
C ALA B 2 -20.12 -33.58 -19.48
N LEU B 3 -19.15 -34.40 -19.10
CA LEU B 3 -18.49 -34.17 -17.82
C LEU B 3 -17.59 -32.93 -17.89
N SER B 4 -17.01 -32.65 -19.06
CA SER B 4 -16.25 -31.42 -19.23
C SER B 4 -17.11 -30.21 -18.88
N GLU B 5 -18.40 -30.27 -19.23
CA GLU B 5 -19.27 -29.12 -19.02
C GLU B 5 -19.45 -28.84 -17.53
N ILE B 6 -19.69 -29.89 -16.74
CA ILE B 6 -19.90 -29.66 -15.32
C ILE B 6 -18.57 -29.38 -14.61
N GLU B 7 -17.45 -29.84 -15.17
CA GLU B 7 -16.16 -29.40 -14.65
C GLU B 7 -15.94 -27.90 -14.85
N THR B 8 -16.19 -27.41 -16.07
CA THR B 8 -15.96 -25.99 -16.33
C THR B 8 -16.94 -25.14 -15.53
N ARG B 9 -18.20 -25.56 -15.44
CA ARG B 9 -19.17 -24.87 -14.60
C ARG B 9 -18.69 -24.79 -13.15
N HIS B 10 -18.18 -25.91 -12.63
CA HIS B 10 -17.63 -25.92 -11.29
C HIS B 10 -16.50 -24.91 -11.14
N SER B 11 -15.60 -24.80 -12.13
CA SER B 11 -14.52 -23.83 -11.99
C SER B 11 -15.02 -22.38 -12.16
N GLU B 12 -16.15 -22.14 -12.83
CA GLU B 12 -16.76 -20.81 -12.81
C GLU B 12 -17.38 -20.46 -11.46
N ILE B 13 -18.09 -21.42 -10.85
CA ILE B 13 -18.60 -21.24 -9.48
C ILE B 13 -17.45 -20.88 -8.55
N ILE B 14 -16.34 -21.59 -8.67
CA ILE B 14 -15.24 -21.37 -7.75
C ILE B 14 -14.55 -20.04 -8.03
N LYS B 15 -14.37 -19.67 -9.32
CA LYS B 15 -13.92 -18.32 -9.63
C LYS B 15 -14.84 -17.27 -8.96
N LEU B 16 -16.14 -17.50 -9.01
CA LEU B 16 -17.09 -16.54 -8.39
C LEU B 16 -16.91 -16.48 -6.89
N GLU B 17 -16.70 -17.65 -6.24
CA GLU B 17 -16.48 -17.65 -4.80
C GLU B 17 -15.19 -16.93 -4.47
N ASN B 18 -14.12 -17.18 -5.22
CA ASN B 18 -12.87 -16.49 -4.96
C ASN B 18 -13.00 -14.99 -5.17
N SER B 19 -13.73 -14.57 -6.19
CA SER B 19 -13.93 -13.13 -6.43
C SER B 19 -14.69 -12.50 -5.28
N ILE B 20 -15.66 -13.23 -4.78
CA ILE B 20 -16.43 -12.75 -3.62
C ILE B 20 -15.55 -12.69 -2.39
N ARG B 21 -14.65 -13.69 -2.21
CA ARG B 21 -13.80 -13.62 -1.03
C ARG B 21 -12.89 -12.41 -1.09
N GLU B 22 -12.35 -12.12 -2.29
CA GLU B 22 -11.58 -10.87 -2.43
C GLU B 22 -12.45 -9.62 -2.11
N LEU B 23 -13.68 -9.57 -2.61
CA LEU B 23 -14.55 -8.43 -2.28
C LEU B 23 -14.77 -8.34 -0.77
N HIS B 24 -14.97 -9.50 -0.15
CA HIS B 24 -15.22 -9.53 1.30
C HIS B 24 -14.00 -9.01 2.02
N ASP B 25 -12.80 -9.34 1.54
CA ASP B 25 -11.59 -8.84 2.20
C ASP B 25 -11.43 -7.34 2.03
N MET B 26 -11.83 -6.79 0.87
CA MET B 26 -11.83 -5.35 0.72
C MET B 26 -12.76 -4.70 1.75
N PHE B 27 -13.94 -5.28 1.93
CA PHE B 27 -14.88 -4.67 2.90
C PHE B 27 -14.33 -4.76 4.32
N MET B 28 -13.65 -5.90 4.66
CA MET B 28 -13.13 -6.05 6.02
C MET B 28 -11.99 -5.07 6.24
N ASP B 29 -11.11 -4.92 5.25
CA ASP B 29 -9.97 -4.01 5.35
C ASP B 29 -10.43 -2.57 5.43
N MET B 30 -11.42 -2.21 4.62
CA MET B 30 -12.01 -0.88 4.71
C MET B 30 -12.50 -0.62 6.13
N ALA B 31 -13.22 -1.57 6.70
CA ALA B 31 -13.76 -1.35 8.05
C ALA B 31 -12.64 -1.22 9.06
N MET B 32 -11.59 -2.05 8.93
CA MET B 32 -10.49 -1.97 9.89
C MET B 32 -9.79 -0.62 9.81
N LEU B 33 -9.52 -0.16 8.57
CA LEU B 33 -8.84 1.12 8.38
C LEU B 33 -9.65 2.26 8.95
N VAL B 34 -10.94 2.28 8.62
CA VAL B 34 -11.74 3.41 9.03
C VAL B 34 -11.80 3.45 10.55
N GLU B 35 -11.87 2.28 11.19
CA GLU B 35 -11.90 2.25 12.65
C GLU B 35 -10.59 2.80 13.24
N SER B 36 -9.45 2.37 12.70
CA SER B 36 -8.18 2.90 13.20
C SER B 36 -8.12 4.42 13.03
N GLN B 37 -8.55 4.90 11.85
CA GLN B 37 -8.57 6.34 11.61
C GLN B 37 -9.50 7.07 12.53
N GLY B 38 -10.53 6.40 12.99
CA GLY B 38 -11.42 7.05 13.94
C GLY B 38 -10.76 7.21 15.29
N GLU B 39 -9.82 6.32 15.63
CA GLU B 39 -9.03 6.58 16.84
C GLU B 39 -8.10 7.76 16.62
N MET B 40 -7.49 7.83 15.41
CA MET B 40 -6.76 9.04 15.04
C MET B 40 -7.62 10.30 15.25
N ILE B 41 -8.84 10.32 14.70
CA ILE B 41 -9.65 11.52 14.76
C ILE B 41 -10.04 11.84 16.21
N ASP B 42 -10.30 10.81 17.02
CA ASP B 42 -10.49 11.04 18.44
C ASP B 42 -9.35 11.85 19.02
N ARG B 43 -8.11 11.40 18.78
CA ARG B 43 -6.95 12.16 19.25
C ARG B 43 -6.94 13.58 18.69
N ILE B 44 -7.06 13.72 17.38
CA ILE B 44 -6.95 15.03 16.74
C ILE B 44 -7.97 16.01 17.33
N GLU B 45 -9.20 15.52 17.56
CA GLU B 45 -10.25 16.40 18.09
C GLU B 45 -9.93 16.83 19.51
N TYR B 46 -9.42 15.91 20.33
CA TYR B 46 -8.89 16.30 21.63
C TYR B 46 -7.86 17.42 21.51
N ASN B 47 -6.79 17.17 20.75
CA ASN B 47 -5.72 18.16 20.60
C ASN B 47 -6.26 19.51 20.16
N VAL B 48 -7.26 19.52 19.30
CA VAL B 48 -7.74 20.80 18.80
C VAL B 48 -8.62 21.48 19.85
N GLU B 49 -9.31 20.69 20.69
CA GLU B 49 -10.07 21.29 21.80
C GLU B 49 -9.11 21.98 22.78
N HIS B 50 -7.99 21.35 23.07
CA HIS B 50 -7.04 21.93 24.01
C HIS B 50 -6.15 23.02 23.40
N ALA B 51 -5.94 23.00 22.09
CA ALA B 51 -5.22 24.09 21.45
C ALA B 51 -6.13 25.28 21.13
N VAL B 52 -7.45 25.07 21.12
CA VAL B 52 -8.37 26.20 20.98
C VAL B 52 -8.72 26.82 22.34
N ASP B 53 -8.78 26.02 23.41
CA ASP B 53 -8.89 26.59 24.75
C ASP B 53 -7.54 27.13 25.24
N TYR B 54 -6.42 26.66 24.67
CA TYR B 54 -5.08 27.16 24.94
C TYR B 54 -4.74 28.47 24.20
N VAL B 55 -5.76 29.25 23.81
CA VAL B 55 -5.56 30.58 23.22
C VAL B 55 -6.58 31.58 23.81
N GLU C 4 -11.33 -45.55 -16.85
CA GLU C 4 -12.46 -46.12 -16.12
C GLU C 4 -13.57 -45.07 -15.94
N LEU C 5 -14.46 -44.99 -16.93
CA LEU C 5 -15.62 -44.10 -16.88
C LEU C 5 -16.71 -44.67 -15.96
N GLU C 6 -16.33 -45.60 -15.08
CA GLU C 6 -17.31 -46.24 -14.21
C GLU C 6 -17.89 -45.25 -13.20
N GLU C 7 -17.05 -44.38 -12.65
CA GLU C 7 -17.45 -43.45 -11.62
C GLU C 7 -17.70 -42.04 -12.15
N MET C 8 -18.16 -41.91 -13.40
CA MET C 8 -18.37 -40.57 -13.96
C MET C 8 -19.59 -39.90 -13.35
N GLN C 9 -20.69 -40.64 -13.17
CA GLN C 9 -21.84 -40.06 -12.50
C GLN C 9 -21.50 -39.70 -11.06
N ARG C 10 -20.76 -40.56 -10.36
CA ARG C 10 -20.36 -40.22 -9.01
C ARG C 10 -19.52 -38.97 -8.99
N ARG C 11 -18.63 -38.82 -9.99
CA ARG C 11 -17.72 -37.68 -10.02
C ARG C 11 -18.47 -36.38 -10.31
N ALA C 12 -19.38 -36.42 -11.28
CA ALA C 12 -20.29 -35.30 -11.48
C ALA C 12 -21.04 -34.96 -10.21
N ASP C 13 -21.38 -35.97 -9.39
CA ASP C 13 -22.17 -35.70 -8.19
C ASP C 13 -21.32 -35.03 -7.11
N GLN C 14 -20.06 -35.43 -6.96
CA GLN C 14 -19.18 -34.80 -5.99
C GLN C 14 -18.81 -33.37 -6.38
N LEU C 15 -18.57 -33.14 -7.68
CA LEU C 15 -18.36 -31.77 -8.15
C LEU C 15 -19.61 -30.91 -7.92
N ALA C 16 -20.79 -31.41 -8.26
CA ALA C 16 -22.02 -30.68 -8.00
C ALA C 16 -22.14 -30.29 -6.53
N ASP C 17 -21.94 -31.27 -5.63
CA ASP C 17 -22.02 -30.96 -4.21
C ASP C 17 -21.01 -29.89 -3.83
N GLU C 18 -19.81 -29.96 -4.41
CA GLU C 18 -18.83 -28.91 -4.13
C GLU C 18 -19.33 -27.54 -4.57
N SER C 19 -20.09 -27.49 -5.67
CA SER C 19 -20.63 -26.22 -6.17
C SER C 19 -21.70 -25.68 -5.23
N LEU C 20 -22.64 -26.52 -4.83
CA LEU C 20 -23.66 -26.06 -3.89
C LEU C 20 -22.99 -25.49 -2.65
N GLU C 21 -22.08 -26.28 -2.06
CA GLU C 21 -21.38 -25.85 -0.86
C GLU C 21 -20.67 -24.52 -1.11
N SER C 22 -20.16 -24.35 -2.32
CA SER C 22 -19.54 -23.08 -2.66
C SER C 22 -20.57 -21.93 -2.54
N THR C 23 -21.78 -22.13 -3.04
CA THR C 23 -22.73 -21.01 -3.00
C THR C 23 -23.17 -20.70 -1.56
N ARG C 24 -23.19 -21.72 -0.67
CA ARG C 24 -23.44 -21.43 0.73
C ARG C 24 -22.34 -20.58 1.32
N ARG C 25 -21.09 -20.86 0.93
CA ARG C 25 -20.01 -20.05 1.47
C ARG C 25 -20.10 -18.63 0.92
N MET C 26 -20.54 -18.49 -0.34
CA MET C 26 -20.75 -17.15 -0.93
C MET C 26 -21.75 -16.34 -0.09
N LEU C 27 -22.87 -16.97 0.29
CA LEU C 27 -23.85 -16.23 1.09
C LEU C 27 -23.23 -15.75 2.40
N GLN C 28 -22.42 -16.58 3.03
CA GLN C 28 -21.80 -16.16 4.28
C GLN C 28 -20.83 -15.00 4.05
N LEU C 29 -20.01 -15.08 2.99
CA LEU C 29 -19.11 -13.98 2.71
C LEU C 29 -19.85 -12.66 2.46
N VAL C 30 -20.89 -12.69 1.62
CA VAL C 30 -21.52 -11.39 1.30
C VAL C 30 -22.32 -10.84 2.48
N GLU C 31 -22.81 -11.70 3.38
CA GLU C 31 -23.52 -11.14 4.57
C GLU C 31 -22.52 -10.49 5.55
N GLU C 32 -21.34 -11.11 5.71
CA GLU C 32 -20.31 -10.45 6.52
C GLU C 32 -19.79 -9.17 5.86
N SER C 33 -19.58 -9.19 4.52
CA SER C 33 -19.28 -7.96 3.77
C SER C 33 -20.31 -6.86 4.08
N LYS C 34 -21.60 -7.18 3.96
CA LYS C 34 -22.62 -6.16 4.15
C LYS C 34 -22.56 -5.58 5.58
N ASP C 35 -22.37 -6.46 6.58
CA ASP C 35 -22.26 -5.97 7.96
CA ASP C 35 -22.27 -5.97 7.95
C ASP C 35 -21.06 -5.05 8.10
N ALA C 36 -19.92 -5.40 7.45
CA ALA C 36 -18.76 -4.51 7.58
C ALA C 36 -19.02 -3.17 6.87
N GLY C 37 -19.69 -3.22 5.70
CA GLY C 37 -19.98 -1.98 4.99
C GLY C 37 -20.92 -1.07 5.77
N ILE C 38 -21.91 -1.65 6.44
CA ILE C 38 -22.81 -0.81 7.25
C ILE C 38 -22.04 -0.22 8.42
N ARG C 39 -21.19 -1.03 9.08
CA ARG C 39 -20.42 -0.47 10.19
C ARG C 39 -19.54 0.65 9.71
N THR C 40 -18.96 0.47 8.53
CA THR C 40 -18.10 1.52 7.99
C THR C 40 -18.88 2.79 7.71
N LEU C 41 -20.08 2.70 7.13
CA LEU C 41 -20.84 3.92 6.87
C LEU C 41 -21.22 4.62 8.20
N VAL C 42 -21.51 3.84 9.23
CA VAL C 42 -21.86 4.45 10.52
C VAL C 42 -20.63 5.14 11.13
N MET C 43 -19.45 4.52 11.06
CA MET C 43 -18.23 5.20 11.50
C MET C 43 -17.95 6.47 10.71
N LEU C 44 -18.02 6.40 9.35
CA LEU C 44 -17.83 7.62 8.55
C LEU C 44 -18.82 8.72 8.94
N ASP C 45 -20.04 8.36 9.35
CA ASP C 45 -20.98 9.38 9.82
C ASP C 45 -20.46 10.02 11.14
N GLU C 46 -20.07 9.17 12.11
CA GLU C 46 -19.53 9.69 13.37
C GLU C 46 -18.29 10.55 13.15
N GLN C 47 -17.37 10.04 12.34
CA GLN C 47 -16.10 10.73 12.14
C GLN C 47 -16.29 12.03 11.36
N GLY C 48 -17.24 12.06 10.41
CA GLY C 48 -17.51 13.30 9.72
C GLY C 48 -17.98 14.40 10.65
N GLU C 49 -18.85 14.06 11.62
CA GLU C 49 -19.22 15.13 12.56
C GLU C 49 -18.01 15.55 13.39
N GLN C 50 -17.16 14.58 13.79
CA GLN C 50 -15.94 15.00 14.47
C GLN C 50 -15.10 15.92 13.59
N LEU C 51 -14.94 15.62 12.29
CA LEU C 51 -14.13 16.48 11.43
C LEU C 51 -14.73 17.89 11.32
N ASP C 52 -16.07 18.00 11.34
CA ASP C 52 -16.70 19.32 11.37
C ASP C 52 -16.25 20.09 12.60
N ARG C 53 -16.34 19.46 13.76
CA ARG C 53 -15.81 20.09 14.97
C ARG C 53 -14.32 20.45 14.84
N VAL C 54 -13.53 19.65 14.11
CA VAL C 54 -12.11 19.96 14.05
C VAL C 54 -11.89 21.17 13.18
N GLU C 55 -12.57 21.24 12.03
CA GLU C 55 -12.41 22.40 11.17
C GLU C 55 -12.86 23.68 11.88
N GLU C 56 -13.97 23.62 12.62
CA GLU C 56 -14.41 24.79 13.38
C GLU C 56 -13.34 25.21 14.39
N GLY C 57 -12.80 24.23 15.14
CA GLY C 57 -11.66 24.50 16.03
C GLY C 57 -10.51 25.23 15.34
N MET C 58 -10.07 24.74 14.17
CA MET C 58 -8.98 25.40 13.45
C MET C 58 -9.34 26.83 13.06
N ASN C 59 -10.55 27.02 12.51
CA ASN C 59 -10.99 28.36 12.13
C ASN C 59 -11.03 29.30 13.34
N HIS C 60 -11.29 28.78 14.54
CA HIS C 60 -11.24 29.64 15.71
C HIS C 60 -9.79 29.93 16.14
N ILE C 61 -8.89 28.95 16.02
CA ILE C 61 -7.50 29.21 16.39
C ILE C 61 -6.89 30.28 15.50
N ASN C 62 -7.19 30.25 14.20
CA ASN C 62 -6.70 31.35 13.37
C ASN C 62 -7.59 32.58 13.44
N GLN C 63 -8.78 32.48 14.05
CA GLN C 63 -9.56 33.68 14.36
C GLN C 63 -8.91 34.49 15.49
N ASP C 64 -8.45 33.79 16.54
CA ASP C 64 -7.79 34.49 17.65
C ASP C 64 -6.46 35.10 17.22
N MET C 65 -5.71 34.41 16.36
CA MET C 65 -4.38 34.89 15.96
C MET C 65 -4.48 36.16 15.12
N LYS C 66 -5.30 36.13 14.07
CA LYS C 66 -5.38 37.24 13.12
C LYS C 66 -5.84 38.54 13.76
N GLU C 67 -6.34 38.51 15.00
CA GLU C 67 -6.67 39.73 15.74
C GLU C 67 -5.49 40.23 16.56
N ALA C 68 -4.82 39.34 17.30
CA ALA C 68 -3.69 39.72 18.12
C ALA C 68 -2.51 40.17 17.27
N ALA D 2 -34.44 -29.11 -4.81
CA ALA D 2 -33.67 -30.08 -5.59
C ALA D 2 -32.17 -29.82 -5.44
N ARG D 3 -31.37 -30.39 -6.35
CA ARG D 3 -29.91 -30.23 -6.30
C ARG D 3 -29.46 -28.90 -6.91
N GLU D 4 -29.81 -28.67 -8.18
CA GLU D 4 -29.57 -27.38 -8.82
C GLU D 4 -30.57 -26.31 -8.39
N ASN D 5 -31.59 -26.67 -7.58
CA ASN D 5 -32.58 -25.70 -7.13
C ASN D 5 -32.03 -24.80 -6.04
N GLU D 6 -31.54 -25.39 -4.93
CA GLU D 6 -30.92 -24.57 -3.88
C GLU D 6 -29.72 -23.79 -4.42
N MET D 7 -28.93 -24.39 -5.30
CA MET D 7 -27.77 -23.68 -5.78
C MET D 7 -28.18 -22.39 -6.49
N ASP D 8 -29.24 -22.47 -7.29
CA ASP D 8 -29.64 -21.31 -8.06
C ASP D 8 -30.34 -20.27 -7.19
N GLU D 9 -31.06 -20.72 -6.16
CA GLU D 9 -31.64 -19.78 -5.22
C GLU D 9 -30.56 -19.05 -4.46
N ASN D 10 -29.54 -19.79 -4.02
CA ASN D 10 -28.39 -19.18 -3.38
C ASN D 10 -27.78 -18.11 -4.27
N LEU D 11 -27.57 -18.43 -5.55
CA LEU D 11 -26.98 -17.46 -6.47
C LEU D 11 -27.87 -16.22 -6.65
N GLU D 12 -29.19 -16.41 -6.76
CA GLU D 12 -30.08 -15.26 -6.87
C GLU D 12 -30.03 -14.38 -5.63
N GLN D 13 -29.92 -15.02 -4.48
CA GLN D 13 -29.79 -14.28 -3.23
C GLN D 13 -28.47 -13.53 -3.16
N VAL D 14 -27.36 -14.20 -3.54
CA VAL D 14 -26.07 -13.51 -3.55
C VAL D 14 -26.16 -12.30 -4.47
N SER D 15 -26.74 -12.52 -5.66
CA SER D 15 -26.86 -11.47 -6.64
C SER D 15 -27.60 -10.23 -6.08
N GLY D 16 -28.69 -10.44 -5.33
CA GLY D 16 -29.38 -9.28 -4.77
C GLY D 16 -28.52 -8.57 -3.76
N ILE D 17 -27.75 -9.33 -3.01
CA ILE D 17 -26.95 -8.68 -1.97
C ILE D 17 -25.82 -7.91 -2.60
N ILE D 18 -25.22 -8.46 -3.68
CA ILE D 18 -24.18 -7.69 -4.37
C ILE D 18 -24.73 -6.34 -4.86
N GLY D 19 -25.98 -6.30 -5.36
CA GLY D 19 -26.56 -4.98 -5.71
C GLY D 19 -26.53 -4.01 -4.54
N ASN D 20 -26.87 -4.51 -3.34
CA ASN D 20 -26.77 -3.62 -2.17
C ASN D 20 -25.32 -3.22 -1.86
N LEU D 21 -24.35 -4.17 -1.98
CA LEU D 21 -22.96 -3.79 -1.72
C LEU D 21 -22.46 -2.75 -2.73
N ARG D 22 -22.94 -2.85 -3.96
CA ARG D 22 -22.63 -1.84 -4.99
C ARG D 22 -23.03 -0.43 -4.53
N HIS D 23 -24.26 -0.28 -4.04
CA HIS D 23 -24.63 1.08 -3.65
C HIS D 23 -23.97 1.51 -2.36
N MET D 24 -23.69 0.56 -1.45
CA MET D 24 -22.90 0.95 -0.28
C MET D 24 -21.51 1.39 -0.69
N ALA D 25 -20.91 0.68 -1.64
CA ALA D 25 -19.56 1.05 -2.05
C ALA D 25 -19.56 2.45 -2.67
N LEU D 26 -20.59 2.77 -3.48
CA LEU D 26 -20.61 4.11 -4.10
C LEU D 26 -20.79 5.20 -3.06
N ASP D 27 -21.67 4.95 -2.07
CA ASP D 27 -21.82 5.92 -1.01
C ASP D 27 -20.52 6.13 -0.27
N MET D 28 -19.87 5.02 0.11
CA MET D 28 -18.62 5.12 0.87
C MET D 28 -17.59 5.99 0.12
N GLY D 29 -17.45 5.73 -1.19
CA GLY D 29 -16.53 6.52 -2.04
C GLY D 29 -16.86 8.02 -2.05
N ASN D 30 -18.15 8.37 -2.23
CA ASN D 30 -18.55 9.78 -2.18
C ASN D 30 -18.23 10.41 -0.84
N GLU D 31 -18.46 9.68 0.26
CA GLU D 31 -18.26 10.28 1.59
C GLU D 31 -16.77 10.40 1.89
N ILE D 32 -15.99 9.42 1.46
CA ILE D 32 -14.56 9.52 1.69
C ILE D 32 -14.01 10.68 0.84
N ASP D 33 -14.49 10.84 -0.39
CA ASP D 33 -14.09 12.00 -1.21
C ASP D 33 -14.36 13.32 -0.47
N THR D 34 -15.62 13.56 -0.10
CA THR D 34 -15.95 14.80 0.62
C THR D 34 -15.09 14.98 1.86
N GLN D 35 -14.90 13.92 2.63
CA GLN D 35 -14.11 14.07 3.84
C GLN D 35 -12.63 14.31 3.54
N ASN D 36 -12.11 13.74 2.43
CA ASN D 36 -10.71 14.00 2.06
C ASN D 36 -10.50 15.48 1.71
N ARG D 37 -11.43 16.07 0.95
CA ARG D 37 -11.32 17.51 0.77
C ARG D 37 -11.36 18.25 2.11
N GLN D 38 -12.19 17.78 3.05
CA GLN D 38 -12.28 18.50 4.32
C GLN D 38 -10.99 18.37 5.11
N ILE D 39 -10.39 17.18 5.12
CA ILE D 39 -9.14 16.99 5.82
C ILE D 39 -8.06 17.85 5.18
N ASP D 40 -8.17 18.07 3.87
CA ASP D 40 -7.23 18.98 3.21
C ASP D 40 -7.40 20.42 3.72
N ARG D 41 -8.64 20.88 3.82
CA ARG D 41 -8.84 22.23 4.35
C ARG D 41 -8.32 22.34 5.79
N ILE D 42 -8.60 21.33 6.62
CA ILE D 42 -8.10 21.32 7.99
C ILE D 42 -6.58 21.37 8.00
N MET D 43 -5.93 20.63 7.10
CA MET D 43 -4.48 20.62 7.09
C MET D 43 -3.92 21.96 6.64
N GLU D 44 -4.53 22.56 5.61
CA GLU D 44 -4.10 23.88 5.16
C GLU D 44 -4.22 24.91 6.28
N LYS D 45 -5.31 24.83 7.06
CA LYS D 45 -5.52 25.79 8.15
C LYS D 45 -4.61 25.51 9.34
N ALA D 46 -4.21 24.26 9.56
CA ALA D 46 -3.28 23.97 10.65
C ALA D 46 -1.86 24.43 10.27
N ASP D 47 -1.48 24.29 9.00
CA ASP D 47 -0.17 24.79 8.58
C ASP D 47 -0.15 26.31 8.56
N SER D 48 -1.26 26.94 8.18
CA SER D 48 -1.37 28.40 8.33
C SER D 48 -1.26 28.81 9.80
N ASN D 49 -1.84 28.00 10.70
CA ASN D 49 -1.68 28.29 12.13
C ASN D 49 -0.21 28.28 12.52
N LYS D 50 0.50 27.16 12.27
CA LYS D 50 1.93 27.10 12.58
C LYS D 50 2.72 28.19 11.84
N THR D 51 2.19 28.72 10.74
CA THR D 51 2.81 29.88 10.11
C THR D 51 2.62 31.13 10.98
N ARG D 52 1.37 31.44 11.32
CA ARG D 52 1.07 32.68 12.03
C ARG D 52 1.67 32.68 13.44
N ILE D 53 1.78 31.50 14.07
CA ILE D 53 2.44 31.39 15.37
C ILE D 53 3.96 31.37 15.21
N ASP D 54 4.45 30.74 14.13
CA ASP D 54 5.90 30.74 13.88
C ASP D 54 6.42 32.15 13.65
N GLU D 55 5.62 33.02 13.03
CA GLU D 55 6.05 34.39 12.79
C GLU D 55 5.89 35.27 14.02
N ALA D 56 4.91 34.98 14.87
CA ALA D 56 4.71 35.74 16.11
C ALA D 56 5.59 35.22 17.23
N LYS E 51 8.14 5.00 19.59
CA LYS E 51 8.08 6.38 19.14
C LYS E 51 7.20 6.51 17.89
N TYR E 52 6.94 7.75 17.47
CA TYR E 52 6.02 7.99 16.35
C TYR E 52 6.60 7.54 15.01
N ALA E 53 7.92 7.56 14.86
CA ALA E 53 8.54 7.21 13.59
C ALA E 53 8.50 5.70 13.34
N LYS E 54 8.68 4.89 14.40
CA LYS E 54 8.67 3.44 14.23
C LYS E 54 7.28 2.93 13.85
N MET E 55 6.25 3.39 14.55
CA MET E 55 4.89 3.00 14.21
C MET E 55 4.39 3.64 12.92
N GLU E 56 4.91 4.82 12.56
CA GLU E 56 4.47 5.45 11.31
C GLU E 56 5.11 4.79 10.10
N ALA E 57 6.38 4.39 10.23
CA ALA E 57 7.00 3.62 9.15
C ALA E 57 6.39 2.22 9.08
N GLU E 58 6.16 1.59 10.24
CA GLU E 58 5.45 0.31 10.25
C GLU E 58 4.09 0.45 9.59
N ARG E 59 3.36 1.52 9.91
CA ARG E 59 2.04 1.74 9.33
C ARG E 59 2.12 1.94 7.82
N GLU E 60 3.09 2.72 7.35
CA GLU E 60 3.23 2.87 5.91
C GLU E 60 3.54 1.53 5.23
N VAL E 61 4.16 0.59 5.97
CA VAL E 61 4.34 -0.75 5.42
C VAL E 61 3.01 -1.49 5.34
N MET E 62 2.18 -1.39 6.40
CA MET E 62 0.80 -1.88 6.33
C MET E 62 0.04 -1.33 5.12
N ARG E 63 0.19 -0.03 4.84
CA ARG E 63 -0.50 0.62 3.73
C ARG E 63 -0.06 0.08 2.38
N GLN E 64 1.26 0.02 2.17
CA GLN E 64 1.74 -0.54 0.91
C GLN E 64 1.34 -2.00 0.79
N GLY E 65 1.27 -2.71 1.91
CA GLY E 65 0.71 -4.05 1.93
C GLY E 65 -0.64 -4.11 1.26
N ILE E 66 -1.57 -3.23 1.69
CA ILE E 66 -2.92 -3.28 1.12
C ILE E 66 -2.91 -2.99 -0.35
N ARG E 67 -2.20 -1.91 -0.73
CA ARG E 67 -2.12 -1.56 -2.14
CA ARG E 67 -2.11 -1.55 -2.14
C ARG E 67 -1.60 -2.73 -2.98
N ASP E 68 -0.56 -3.42 -2.48
CA ASP E 68 0.04 -4.54 -3.21
C ASP E 68 -0.96 -5.67 -3.33
N LYS E 69 -1.60 -5.97 -2.21
CA LYS E 69 -2.53 -7.09 -2.14
C LYS E 69 -3.61 -6.95 -3.21
N TYR E 70 -4.14 -5.74 -3.43
CA TYR E 70 -5.26 -5.55 -4.36
C TYR E 70 -4.82 -5.04 -5.72
N GLY E 71 -3.53 -4.78 -5.90
CA GLY E 71 -3.07 -4.34 -7.20
C GLY E 71 -3.38 -2.89 -7.42
N ILE E 72 -3.22 -2.07 -6.37
CA ILE E 72 -3.53 -0.64 -6.45
C ILE E 72 -2.26 0.11 -6.81
N LYS E 73 -2.36 0.97 -7.82
CA LYS E 73 -1.25 1.83 -8.22
C LYS E 73 -1.44 3.21 -7.60
N LYS E 74 -0.31 3.81 -7.21
CA LYS E 74 -0.31 5.16 -6.67
C LYS E 74 -0.42 6.19 -7.81
N LYS E 75 -0.68 7.43 -7.44
CA LYS E 75 -0.75 8.52 -8.41
C LYS E 75 0.53 9.37 -8.35
N GLY F 4 23.79 22.45 -7.19
CA GLY F 4 24.79 23.27 -7.85
C GLY F 4 25.40 24.30 -6.92
N LYS F 5 26.05 25.32 -7.48
CA LYS F 5 26.61 26.40 -6.67
C LYS F 5 25.52 27.13 -5.90
N LEU F 6 25.87 27.66 -4.72
CA LEU F 6 24.89 28.24 -3.80
C LEU F 6 25.54 28.92 -2.59
N GLN F 7 25.25 30.20 -2.42
CA GLN F 7 25.65 30.98 -1.25
C GLN F 7 24.61 30.87 -0.16
N TYR F 8 25.07 30.56 1.07
CA TYR F 8 24.17 30.46 2.22
C TYR F 8 24.88 30.96 3.48
N SER F 9 24.07 31.29 4.49
CA SER F 9 24.54 31.79 5.78
C SER F 9 24.00 30.93 6.92
N LEU F 10 24.75 30.87 8.01
CA LEU F 10 24.42 30.03 9.15
C LEU F 10 24.82 30.74 10.43
N ASP F 11 23.85 30.90 11.34
CA ASP F 11 23.96 31.70 12.55
C ASP F 11 23.21 31.03 13.69
N TYR F 12 23.81 31.00 14.88
CA TYR F 12 23.10 30.60 16.10
C TYR F 12 23.07 31.77 17.07
N ASP F 13 21.86 32.15 17.50
CA ASP F 13 21.66 33.23 18.47
C ASP F 13 21.65 32.62 19.86
N PHE F 14 22.74 32.80 20.61
CA PHE F 14 22.85 32.18 21.91
C PHE F 14 21.97 32.84 22.94
N GLN F 15 21.73 34.15 22.82
CA GLN F 15 20.90 34.85 23.79
C GLN F 15 19.47 34.34 23.76
N ASN F 16 18.98 34.00 22.57
CA ASN F 16 17.60 33.55 22.40
C ASN F 16 17.48 32.03 22.24
N ASN F 17 18.58 31.33 21.93
CA ASN F 17 18.62 29.89 21.69
C ASN F 17 17.84 29.54 20.41
N GLN F 18 18.45 29.89 19.27
CA GLN F 18 17.79 29.68 17.99
C GLN F 18 18.83 29.73 16.87
N LEU F 19 18.62 28.90 15.84
CA LEU F 19 19.53 28.77 14.71
C LEU F 19 18.90 29.39 13.46
N LEU F 20 19.68 30.19 12.74
CA LEU F 20 19.20 30.93 11.59
C LEU F 20 20.07 30.62 10.38
N VAL F 21 19.45 30.18 9.29
CA VAL F 21 20.17 29.91 8.05
C VAL F 21 19.61 30.80 6.95
N GLY F 22 20.50 31.47 6.23
CA GLY F 22 20.11 32.33 5.13
C GLY F 22 20.28 31.61 3.80
N ILE F 23 19.28 31.74 2.93
CA ILE F 23 19.36 31.11 1.62
C ILE F 23 19.25 32.18 0.55
N ILE F 24 20.36 32.88 0.31
CA ILE F 24 20.33 34.10 -0.47
C ILE F 24 20.33 33.81 -1.96
N GLN F 25 21.41 33.24 -2.48
CA GLN F 25 21.61 33.14 -3.92
C GLN F 25 22.13 31.76 -4.29
N ALA F 26 21.79 31.33 -5.51
CA ALA F 26 22.28 30.09 -6.09
C ALA F 26 22.85 30.37 -7.47
N ALA F 27 23.91 29.65 -7.83
CA ALA F 27 24.64 29.89 -9.06
C ALA F 27 25.03 28.58 -9.72
N GLU F 28 25.40 28.66 -11.01
CA GLU F 28 25.95 27.52 -11.75
C GLU F 28 24.95 26.38 -11.90
N LEU F 29 23.68 26.74 -12.13
CA LEU F 29 22.62 25.76 -12.30
C LEU F 29 22.67 25.15 -13.71
N PRO F 30 21.91 24.08 -13.98
CA PRO F 30 21.97 23.52 -15.34
C PRO F 30 21.29 24.42 -16.37
N THR F 37 16.11 25.91 -19.44
CA THR F 37 16.36 26.35 -18.07
C THR F 37 15.44 25.66 -17.07
N SER F 38 15.60 25.98 -15.79
CA SER F 38 14.81 25.39 -14.72
C SER F 38 14.03 26.49 -13.99
N ASP F 39 12.79 26.18 -13.61
CA ASP F 39 11.95 27.08 -12.82
C ASP F 39 11.97 26.61 -11.37
N PRO F 40 12.82 27.21 -10.49
CA PRO F 40 13.16 26.57 -9.21
C PRO F 40 12.40 27.05 -7.97
N TYR F 41 12.55 26.30 -6.86
CA TYR F 41 12.10 26.69 -5.54
C TYR F 41 12.83 25.84 -4.50
N VAL F 42 13.00 26.39 -3.30
CA VAL F 42 13.82 25.77 -2.27
C VAL F 42 12.94 25.29 -1.12
N LYS F 43 13.53 24.41 -0.29
CA LYS F 43 12.83 23.83 0.84
C LYS F 43 13.84 23.48 1.92
N VAL F 44 13.49 23.80 3.17
CA VAL F 44 14.40 23.69 4.30
C VAL F 44 14.21 22.32 4.95
N PHE F 45 15.34 21.70 5.33
CA PHE F 45 15.31 20.38 5.96
C PHE F 45 15.54 20.54 7.46
N LEU F 46 14.43 20.64 8.20
CA LEU F 46 14.48 20.61 9.66
C LEU F 46 14.74 19.19 10.15
N LEU F 47 16.03 18.84 10.30
CA LEU F 47 16.53 17.51 10.62
C LEU F 47 15.69 16.80 11.68
N PRO F 48 15.64 15.47 11.69
CA PRO F 48 14.84 14.70 12.65
C PRO F 48 15.25 14.93 14.10
N LYS F 52 10.14 20.07 10.46
CA LYS F 52 9.49 21.12 9.69
C LYS F 52 10.16 21.30 8.32
N LYS F 53 9.62 22.23 7.52
CA LYS F 53 10.18 22.57 6.22
C LYS F 53 9.63 23.92 5.78
N PHE F 54 10.44 24.65 5.01
CA PHE F 54 10.14 26.02 4.63
C PHE F 54 10.01 26.11 3.11
N GLU F 55 9.02 26.89 2.65
CA GLU F 55 8.79 27.14 1.23
C GLU F 55 9.43 28.47 0.85
N THR F 56 10.55 28.41 0.14
CA THR F 56 11.32 29.59 -0.20
C THR F 56 10.80 30.25 -1.46
N LYS F 57 11.47 31.32 -1.87
CA LYS F 57 11.07 32.06 -3.06
C LYS F 57 11.19 31.18 -4.29
N VAL F 58 10.09 31.02 -5.00
CA VAL F 58 10.03 30.17 -6.19
C VAL F 58 10.23 31.06 -7.41
N HIS F 59 11.39 30.93 -8.05
CA HIS F 59 11.65 31.62 -9.32
C HIS F 59 10.91 30.90 -10.44
N ARG F 60 11.06 31.41 -11.66
CA ARG F 60 10.42 30.82 -12.84
C ARG F 60 11.35 30.98 -14.02
N LYS F 61 11.74 29.85 -14.62
CA LYS F 61 12.70 29.82 -15.73
C LYS F 61 13.89 30.74 -15.46
N THR F 62 14.55 30.47 -14.33
CA THR F 62 15.69 31.25 -13.87
C THR F 62 16.83 30.29 -13.54
N LEU F 63 17.88 30.30 -14.36
CA LEU F 63 19.03 29.43 -14.17
C LEU F 63 19.98 29.92 -13.06
N ASN F 64 19.53 30.89 -12.25
CA ASN F 64 20.29 31.42 -11.12
C ASN F 64 19.38 32.30 -10.25
N PRO F 65 18.62 31.70 -9.32
CA PRO F 65 17.67 32.49 -8.53
C PRO F 65 18.32 33.17 -7.34
N VAL F 66 17.56 34.06 -6.72
CA VAL F 66 17.95 34.73 -5.49
C VAL F 66 16.74 34.75 -4.56
N PHE F 67 16.98 34.59 -3.26
CA PHE F 67 15.87 34.52 -2.30
C PHE F 67 16.03 35.46 -1.11
N ASN F 68 17.26 35.66 -0.62
CA ASN F 68 17.56 36.51 0.54
C ASN F 68 16.66 36.19 1.73
N GLU F 69 15.94 35.07 1.67
CA GLU F 69 15.06 34.66 2.75
C GLU F 69 15.89 34.04 3.87
N GLN F 70 15.57 34.41 5.11
CA GLN F 70 16.13 33.80 6.29
C GLN F 70 15.19 32.73 6.81
N PHE F 71 15.74 31.76 7.53
CA PHE F 71 14.97 30.64 8.05
C PHE F 71 15.38 30.40 9.50
N THR F 72 14.44 30.60 10.42
CA THR F 72 14.69 30.48 11.85
C THR F 72 14.14 29.16 12.37
N PHE F 73 14.87 28.57 13.31
CA PHE F 73 14.51 27.28 13.90
C PHE F 73 14.94 27.26 15.36
N LYS F 74 13.98 27.07 16.28
CA LYS F 74 14.19 27.29 17.70
C LYS F 74 14.56 25.98 18.40
N VAL F 75 15.80 25.54 18.17
CA VAL F 75 16.33 24.34 18.80
C VAL F 75 17.31 24.71 19.91
N PRO F 76 17.25 24.07 21.07
CA PRO F 76 18.25 24.33 22.11
C PRO F 76 19.65 23.90 21.67
N TYR F 77 20.66 24.51 22.27
CA TYR F 77 22.05 24.12 22.02
C TYR F 77 22.38 22.76 22.60
N SER F 78 21.54 22.25 23.51
CA SER F 78 21.68 20.87 23.97
C SER F 78 21.41 19.86 22.87
N GLU F 79 20.76 20.28 21.77
CA GLU F 79 20.74 19.46 20.56
C GLU F 79 22.14 19.28 20.00
N LEU F 80 23.03 20.24 20.25
CA LEU F 80 24.48 20.18 20.05
C LEU F 80 24.92 19.36 18.84
N GLY F 81 24.70 19.88 17.63
CA GLY F 81 25.20 19.21 16.44
C GLY F 81 24.59 17.85 16.17
N GLY F 82 23.57 17.45 16.92
CA GLY F 82 22.93 16.18 16.66
C GLY F 82 22.12 16.20 15.38
N LYS F 83 21.28 17.22 15.22
CA LYS F 83 20.58 17.41 13.96
C LYS F 83 21.58 17.73 12.86
N THR F 84 21.06 17.96 11.65
CA THR F 84 21.92 18.29 10.52
C THR F 84 21.09 18.90 9.40
N LEU F 85 21.55 20.02 8.86
CA LEU F 85 20.81 20.75 7.85
C LEU F 85 20.90 20.04 6.51
N VAL F 86 19.84 20.16 5.72
CA VAL F 86 19.83 19.67 4.34
C VAL F 86 18.92 20.58 3.53
N MET F 87 19.37 20.88 2.30
CA MET F 87 18.63 21.71 1.37
C MET F 87 18.63 21.04 0.00
N ALA F 88 17.44 20.86 -0.56
CA ALA F 88 17.24 20.21 -1.86
C ALA F 88 16.30 21.07 -2.69
N VAL F 89 16.87 21.88 -3.57
CA VAL F 89 16.12 22.79 -4.41
C VAL F 89 15.66 22.06 -5.66
N TYR F 90 14.40 22.31 -6.05
CA TYR F 90 13.71 21.55 -7.08
C TYR F 90 13.29 22.45 -8.25
N ASP F 91 13.33 21.91 -9.47
CA ASP F 91 12.87 22.61 -10.67
C ASP F 91 11.36 22.41 -10.80
N PHE F 92 10.60 23.44 -10.40
CA PHE F 92 9.20 23.24 -10.07
C PHE F 92 8.34 22.96 -11.31
N ASP F 93 7.26 22.22 -11.07
CA ASP F 93 6.35 21.74 -12.11
C ASP F 93 4.97 22.36 -11.95
N ILE F 100 14.09 18.17 -7.61
CA ILE F 100 15.31 18.08 -6.82
C ILE F 100 16.53 18.02 -7.73
N ILE F 101 17.00 19.18 -8.18
CA ILE F 101 18.20 19.28 -9.01
C ILE F 101 19.39 19.69 -8.16
N GLY F 102 19.16 20.48 -7.12
CA GLY F 102 20.21 20.98 -6.26
C GLY F 102 20.17 20.31 -4.90
N GLU F 103 21.34 19.89 -4.41
CA GLU F 103 21.39 19.11 -3.18
C GLU F 103 22.67 19.41 -2.41
N PHE F 104 22.52 19.79 -1.13
CA PHE F 104 23.69 19.93 -0.26
C PHE F 104 23.24 19.83 1.20
N LYS F 105 24.09 19.23 2.04
CA LYS F 105 23.80 19.01 3.45
C LYS F 105 24.99 19.42 4.30
N VAL F 106 24.72 19.83 5.55
CA VAL F 106 25.76 20.30 6.46
C VAL F 106 25.49 19.77 7.87
N PRO F 107 26.44 19.04 8.46
CA PRO F 107 26.20 18.50 9.82
C PRO F 107 26.26 19.61 10.87
N MET F 108 25.33 19.55 11.82
CA MET F 108 25.26 20.64 12.79
C MET F 108 26.46 20.70 13.71
N ASN F 109 27.31 19.68 13.74
CA ASN F 109 28.47 19.66 14.61
C ASN F 109 29.79 19.94 13.89
N THR F 110 29.74 20.31 12.61
CA THR F 110 30.95 20.70 11.90
C THR F 110 31.18 22.20 11.92
N VAL F 111 30.29 22.97 12.56
CA VAL F 111 30.22 24.41 12.38
C VAL F 111 30.60 25.12 13.68
N ASP F 112 31.51 26.08 13.55
CA ASP F 112 31.93 26.94 14.65
C ASP F 112 31.13 28.23 14.58
N PHE F 113 30.33 28.48 15.61
CA PHE F 113 29.53 29.70 15.69
C PHE F 113 30.21 30.83 16.45
N GLY F 114 31.55 30.82 16.50
CA GLY F 114 32.27 31.99 16.96
C GLY F 114 32.02 33.19 16.09
N HIS F 115 31.81 32.98 14.79
CA HIS F 115 31.28 33.99 13.89
C HIS F 115 30.25 33.33 12.99
N VAL F 116 29.31 34.14 12.49
CA VAL F 116 28.36 33.64 11.51
C VAL F 116 29.10 33.20 10.27
N THR F 117 28.58 32.19 9.59
CA THR F 117 29.27 31.64 8.42
C THR F 117 28.47 31.92 7.15
N GLU F 118 29.19 32.26 6.07
CA GLU F 118 28.60 32.36 4.74
C GLU F 118 29.56 31.71 3.76
N GLU F 119 29.03 30.85 2.89
CA GLU F 119 29.91 30.10 1.99
C GLU F 119 29.13 29.67 0.74
N TRP F 120 29.91 29.25 -0.27
CA TRP F 120 29.39 28.62 -1.49
C TRP F 120 29.56 27.11 -1.37
N ARG F 121 28.46 26.38 -1.48
CA ARG F 121 28.48 24.93 -1.66
C ARG F 121 28.03 24.62 -3.08
N ASP F 122 28.53 23.53 -3.66
CA ASP F 122 28.30 23.32 -5.09
C ASP F 122 27.85 21.90 -5.47
N LEU F 123 27.39 21.09 -4.52
CA LEU F 123 27.00 19.71 -4.83
C LEU F 123 25.74 19.72 -5.70
N GLN F 124 25.85 19.19 -6.93
CA GLN F 124 24.74 19.13 -7.87
C GLN F 124 24.26 17.70 -8.10
N SER F 125 24.45 16.82 -7.10
CA SER F 125 23.99 15.44 -7.14
C SER F 125 23.31 15.11 -5.81
N ALA F 126 22.08 14.61 -5.89
CA ALA F 126 21.34 14.19 -4.71
C ALA F 126 21.73 12.76 -4.33
N GLU F 127 21.16 12.27 -3.22
CA GLU F 127 21.38 10.90 -2.78
C GLU F 127 20.26 10.02 -3.30
N LYS F 128 20.62 8.92 -3.98
CA LYS F 128 19.62 8.04 -4.59
C LYS F 128 18.77 7.38 -3.52
N GLU F 129 17.45 7.49 -3.67
CA GLU F 129 16.53 6.96 -2.66
C GLU F 129 16.68 5.45 -2.53
N GLU F 130 16.53 4.96 -1.30
CA GLU F 130 16.54 3.52 -1.06
C GLU F 130 15.40 2.86 -1.84
N GLN F 131 15.69 1.69 -2.41
CA GLN F 131 14.69 1.00 -3.21
C GLN F 131 13.52 0.56 -2.34
N GLU F 132 12.31 1.01 -2.68
CA GLU F 132 11.16 0.61 -1.89
C GLU F 132 10.51 -0.66 -2.44
N LYS F 133 10.42 -0.83 -3.75
CA LYS F 133 9.82 -2.06 -4.27
C LYS F 133 10.82 -3.18 -4.09
N LEU F 134 10.30 -4.38 -3.87
CA LEU F 134 11.14 -5.53 -3.55
C LEU F 134 11.61 -6.28 -4.80
N GLY F 135 11.02 -5.99 -5.96
CA GLY F 135 11.26 -6.74 -7.18
C GLY F 135 10.03 -7.49 -7.63
N ASP F 136 10.15 -8.13 -8.78
CA ASP F 136 9.06 -8.83 -9.43
C ASP F 136 9.50 -10.21 -9.85
N ILE F 137 8.56 -11.17 -9.87
CA ILE F 137 8.83 -12.55 -10.27
C ILE F 137 7.81 -12.97 -11.31
N CYS F 138 8.29 -13.68 -12.33
CA CYS F 138 7.46 -14.19 -13.42
C CYS F 138 7.46 -15.70 -13.32
N PHE F 139 6.26 -16.30 -13.26
CA PHE F 139 6.20 -17.75 -13.33
C PHE F 139 4.96 -18.20 -14.08
N SER F 140 4.96 -19.45 -14.51
CA SER F 140 3.78 -19.94 -15.19
C SER F 140 3.08 -20.95 -14.28
N LEU F 141 1.78 -21.10 -14.49
CA LEU F 141 0.93 -22.03 -13.74
C LEU F 141 0.22 -22.93 -14.73
N ARG F 142 0.21 -24.22 -14.47
CA ARG F 142 -0.56 -25.11 -15.30
C ARG F 142 -1.27 -26.10 -14.40
N TYR F 143 -2.53 -26.39 -14.70
CA TYR F 143 -3.31 -27.33 -13.90
C TYR F 143 -4.05 -28.30 -14.80
N VAL F 144 -3.77 -29.59 -14.64
CA VAL F 144 -4.43 -30.64 -15.44
C VAL F 144 -5.43 -31.35 -14.53
N PRO F 145 -6.72 -31.01 -14.59
CA PRO F 145 -7.70 -31.59 -13.63
C PRO F 145 -7.71 -33.11 -13.63
N THR F 146 -7.88 -33.73 -14.80
CA THR F 146 -7.94 -35.18 -14.88
C THR F 146 -6.77 -35.84 -14.15
N ALA F 147 -5.55 -35.46 -14.51
CA ALA F 147 -4.38 -36.00 -13.82
C ALA F 147 -4.21 -35.44 -12.41
N GLY F 148 -4.95 -34.38 -12.05
CA GLY F 148 -4.67 -33.69 -10.82
C GLY F 148 -3.21 -33.29 -10.69
N LYS F 149 -2.69 -32.55 -11.66
CA LYS F 149 -1.27 -32.20 -11.68
C LYS F 149 -1.14 -30.70 -11.87
N LEU F 150 -0.47 -30.06 -10.94
CA LEU F 150 -0.22 -28.63 -10.94
C LEU F 150 1.27 -28.42 -11.17
N THR F 151 1.63 -27.61 -12.17
CA THR F 151 3.05 -27.35 -12.54
C THR F 151 3.33 -25.86 -12.43
N VAL F 152 4.38 -25.51 -11.69
CA VAL F 152 4.83 -24.14 -11.54
C VAL F 152 6.19 -24.07 -12.23
N VAL F 153 6.35 -23.15 -13.19
CA VAL F 153 7.68 -22.88 -13.76
C VAL F 153 8.16 -21.53 -13.30
N ILE F 154 9.20 -21.52 -12.48
CA ILE F 154 9.80 -20.25 -12.12
C ILE F 154 10.61 -19.81 -13.36
N LEU F 155 10.23 -18.69 -13.97
CA LEU F 155 10.86 -18.24 -15.23
C LEU F 155 11.96 -17.25 -14.91
N GLU F 156 11.62 -16.10 -14.31
CA GLU F 156 12.68 -15.11 -14.08
C GLU F 156 12.23 -14.16 -12.97
N ALA F 157 13.18 -13.47 -12.34
CA ALA F 157 12.86 -12.36 -11.45
C ALA F 157 13.65 -11.15 -11.90
N LYS F 158 13.19 -9.97 -11.52
CA LYS F 158 13.87 -8.74 -11.94
C LYS F 158 13.75 -7.68 -10.84
N ASN F 159 14.69 -6.74 -10.85
CA ASN F 159 14.72 -5.60 -9.95
C ASN F 159 14.67 -6.02 -8.48
N LEU F 160 15.28 -7.17 -8.13
CA LEU F 160 15.29 -7.58 -6.74
C LEU F 160 15.96 -6.51 -5.87
N LYS F 161 15.37 -6.24 -4.72
CA LYS F 161 15.91 -5.25 -3.80
C LYS F 161 17.14 -5.86 -3.14
N LYS F 162 18.24 -5.13 -3.09
CA LYS F 162 19.41 -5.64 -2.34
C LYS F 162 19.15 -5.70 -0.83
N MET F 163 19.49 -6.83 -0.19
CA MET F 163 19.35 -6.94 1.27
C MET F 163 20.20 -5.89 1.98
N ASP F 164 21.52 -6.05 1.92
CA ASP F 164 22.44 -5.05 2.47
C ASP F 164 23.24 -4.42 1.34
N VAL F 165 23.66 -3.17 1.54
CA VAL F 165 24.58 -2.58 0.58
C VAL F 165 25.97 -3.20 0.76
N GLY F 166 26.71 -3.28 -0.34
CA GLY F 166 28.05 -3.82 -0.29
C GLY F 166 28.16 -5.33 -0.21
N GLY F 167 27.06 -6.04 0.04
CA GLY F 167 27.04 -7.47 -0.21
C GLY F 167 26.84 -7.78 -1.70
N LEU F 168 26.85 -9.07 -2.02
CA LEU F 168 26.42 -9.57 -3.33
C LEU F 168 25.23 -10.48 -3.12
N SER F 169 24.21 -10.39 -4.01
CA SER F 169 22.95 -11.13 -3.83
C SER F 169 22.93 -12.40 -4.67
N ASP F 170 22.52 -13.51 -4.06
CA ASP F 170 22.53 -14.84 -4.67
C ASP F 170 21.12 -15.41 -4.58
N PRO F 171 20.22 -14.98 -5.46
CA PRO F 171 18.80 -15.35 -5.25
C PRO F 171 18.44 -16.75 -5.70
N TYR F 172 17.46 -17.29 -5.00
CA TYR F 172 16.81 -18.53 -5.35
C TYR F 172 15.37 -18.40 -4.90
N VAL F 173 14.56 -19.37 -5.28
CA VAL F 173 13.11 -19.30 -5.06
C VAL F 173 12.64 -20.54 -4.35
N LYS F 174 11.77 -20.37 -3.33
CA LYS F 174 11.10 -21.50 -2.70
C LYS F 174 9.64 -21.50 -3.15
N ILE F 175 9.09 -22.67 -3.40
CA ILE F 175 7.69 -22.84 -3.73
C ILE F 175 7.13 -23.77 -2.63
N HIS F 176 6.09 -23.30 -1.91
CA HIS F 176 5.42 -24.09 -0.88
C HIS F 176 3.98 -24.26 -1.31
N LEU F 177 3.50 -25.49 -1.26
CA LEU F 177 2.10 -25.80 -1.50
C LEU F 177 1.44 -25.90 -0.14
N MET F 178 0.46 -25.05 0.15
CA MET F 178 -0.18 -25.01 1.46
C MET F 178 -1.65 -25.39 1.38
N GLN F 179 -2.17 -26.03 2.45
CA GLN F 179 -3.61 -26.24 2.55
C GLN F 179 -3.99 -26.17 4.02
N ASN F 180 -5.06 -25.42 4.32
CA ASN F 180 -5.54 -25.21 5.69
C ASN F 180 -4.49 -24.59 6.59
N GLY F 181 -3.59 -23.77 6.03
CA GLY F 181 -2.46 -23.27 6.81
C GLY F 181 -1.32 -24.26 7.06
N LYS F 182 -1.42 -25.48 6.53
CA LYS F 182 -0.36 -26.47 6.67
C LYS F 182 0.51 -26.44 5.41
N ARG F 183 1.84 -26.36 5.59
CA ARG F 183 2.77 -26.57 4.47
C ARG F 183 2.77 -28.04 4.07
N LEU F 184 2.25 -28.35 2.88
CA LEU F 184 2.23 -29.72 2.39
C LEU F 184 3.55 -30.12 1.73
N LYS F 185 3.96 -29.39 0.72
CA LYS F 185 5.11 -29.78 -0.10
C LYS F 185 5.95 -28.53 -0.31
N LYS F 186 7.27 -28.73 -0.45
CA LYS F 186 8.25 -27.64 -0.45
C LYS F 186 9.27 -27.92 -1.56
N LYS F 187 9.55 -26.91 -2.40
CA LYS F 187 10.50 -27.02 -3.54
C LYS F 187 11.43 -25.82 -3.53
N LYS F 188 12.59 -25.94 -4.18
CA LYS F 188 13.49 -24.81 -4.21
C LYS F 188 14.24 -24.85 -5.55
N THR F 189 14.61 -23.67 -6.05
CA THR F 189 15.42 -23.60 -7.28
C THR F 189 16.88 -23.72 -6.95
N THR F 190 17.72 -23.88 -8.01
CA THR F 190 19.11 -23.54 -7.86
C THR F 190 19.31 -22.08 -7.48
N ILE F 191 20.52 -21.78 -7.04
CA ILE F 191 21.01 -20.46 -6.72
C ILE F 191 21.51 -19.78 -7.98
N LYS F 192 21.27 -18.48 -8.12
CA LYS F 192 21.93 -17.73 -9.20
C LYS F 192 22.83 -16.72 -8.51
N LYS F 193 24.14 -16.92 -8.58
CA LYS F 193 25.02 -16.04 -7.82
C LYS F 193 25.15 -14.64 -8.43
N ASN F 194 25.24 -13.65 -7.55
CA ASN F 194 25.62 -12.31 -7.91
C ASN F 194 24.71 -11.70 -8.97
N THR F 195 23.40 -11.68 -8.71
CA THR F 195 22.51 -10.99 -9.66
C THR F 195 21.21 -10.54 -8.96
N LEU F 196 20.62 -9.44 -9.47
CA LEU F 196 19.31 -8.95 -9.03
C LEU F 196 18.26 -9.22 -10.09
N ASN F 197 18.66 -9.93 -11.13
CA ASN F 197 17.81 -10.18 -12.27
C ASN F 197 18.03 -11.62 -12.75
N PRO F 198 17.74 -12.59 -11.89
CA PRO F 198 18.02 -14.02 -12.21
C PRO F 198 17.06 -14.59 -13.23
N TYR F 199 17.57 -15.44 -14.09
CA TYR F 199 16.76 -16.24 -14.99
C TYR F 199 16.84 -17.71 -14.58
N TYR F 200 15.70 -18.40 -14.43
CA TYR F 200 15.70 -19.79 -13.94
C TYR F 200 15.19 -20.78 -14.98
N ASN F 201 13.94 -20.60 -15.40
CA ASN F 201 13.23 -21.60 -16.20
C ASN F 201 13.30 -23.01 -15.55
N GLU F 202 12.88 -23.11 -14.28
CA GLU F 202 12.93 -24.37 -13.54
C GLU F 202 11.51 -24.80 -13.16
N SER F 203 11.15 -26.03 -13.47
CA SER F 203 9.80 -26.56 -13.41
C SER F 203 9.60 -27.43 -12.17
N PHE F 204 8.46 -27.30 -11.50
CA PHE F 204 8.16 -28.06 -10.28
C PHE F 204 6.73 -28.54 -10.35
N SER F 205 6.49 -29.81 -10.02
CA SER F 205 5.17 -30.39 -10.19
C SER F 205 4.64 -30.84 -8.83
N PHE F 206 3.33 -30.78 -8.69
CA PHE F 206 2.62 -31.09 -7.44
C PHE F 206 1.43 -31.96 -7.78
N GLU F 207 1.22 -33.00 -7.00
CA GLU F 207 0.08 -33.87 -7.20
C GLU F 207 -1.04 -33.28 -6.38
N VAL F 208 -2.02 -32.70 -7.07
CA VAL F 208 -3.16 -32.09 -6.39
C VAL F 208 -4.42 -32.60 -7.04
N PRO F 209 -5.21 -33.44 -6.36
CA PRO F 209 -6.47 -33.92 -6.94
C PRO F 209 -7.48 -32.78 -7.10
N PHE F 210 -8.30 -32.87 -8.15
CA PHE F 210 -9.20 -31.77 -8.51
C PHE F 210 -10.20 -31.45 -7.40
N GLU F 211 -10.47 -32.43 -6.55
CA GLU F 211 -11.28 -32.15 -5.37
C GLU F 211 -10.56 -31.18 -4.43
N GLN F 212 -9.22 -31.28 -4.38
CA GLN F 212 -8.45 -30.44 -3.48
C GLN F 212 -7.91 -29.17 -4.14
N ILE F 213 -7.87 -29.12 -5.48
CA ILE F 213 -7.19 -28.02 -6.16
C ILE F 213 -7.73 -26.67 -5.71
N GLN F 214 -9.00 -26.62 -5.36
CA GLN F 214 -9.55 -25.32 -5.00
C GLN F 214 -9.27 -24.91 -3.54
N LYS F 215 -8.69 -25.77 -2.69
CA LYS F 215 -8.43 -25.36 -1.31
C LYS F 215 -6.98 -24.91 -1.07
N VAL F 216 -6.10 -25.05 -2.05
CA VAL F 216 -4.67 -24.93 -1.82
C VAL F 216 -4.20 -23.50 -2.11
N GLN F 217 -3.09 -23.13 -1.48
CA GLN F 217 -2.32 -21.96 -1.89
C GLN F 217 -0.94 -22.41 -2.39
N VAL F 218 -0.42 -21.68 -3.35
CA VAL F 218 0.97 -21.85 -3.83
C VAL F 218 1.69 -20.58 -3.41
N VAL F 219 2.67 -20.71 -2.51
CA VAL F 219 3.42 -19.59 -1.98
C VAL F 219 4.79 -19.56 -2.68
N VAL F 220 5.19 -18.39 -3.14
CA VAL F 220 6.44 -18.25 -3.94
C VAL F 220 7.29 -17.22 -3.22
N THR F 221 8.45 -17.63 -2.72
CA THR F 221 9.31 -16.73 -1.97
C THR F 221 10.65 -16.60 -2.69
N VAL F 222 11.20 -15.39 -2.74
CA VAL F 222 12.54 -15.16 -3.29
C VAL F 222 13.45 -14.84 -2.13
N LEU F 223 14.54 -15.59 -2.02
CA LEU F 223 15.51 -15.51 -0.92
C LEU F 223 16.92 -15.27 -1.44
N ASP F 224 17.75 -14.75 -0.55
CA ASP F 224 19.16 -14.56 -0.84
C ASP F 224 19.96 -15.68 -0.16
N TYR F 225 20.62 -16.50 -0.95
CA TYR F 225 21.38 -17.60 -0.35
C TYR F 225 22.55 -17.09 0.49
N ASP F 226 23.09 -15.93 0.17
CA ASP F 226 24.20 -15.46 0.96
C ASP F 226 23.77 -15.06 2.36
N LYS F 227 22.47 -14.92 2.60
CA LYS F 227 21.97 -14.63 3.95
C LYS F 227 21.37 -15.83 4.64
N ILE F 228 21.57 -17.03 4.09
CA ILE F 228 20.91 -18.19 4.65
C ILE F 228 21.29 -18.32 6.16
N GLY F 229 20.32 -18.69 6.97
CA GLY F 229 20.53 -18.73 8.40
C GLY F 229 20.32 -17.42 9.15
N LYS F 230 20.07 -16.30 8.48
CA LYS F 230 19.57 -15.10 9.16
C LYS F 230 18.39 -14.59 8.33
N ASN F 231 18.05 -13.30 8.44
CA ASN F 231 16.90 -12.75 7.71
C ASN F 231 17.24 -12.77 6.21
N ASP F 232 16.63 -13.69 5.47
CA ASP F 232 17.10 -13.92 4.08
C ASP F 232 15.98 -13.73 3.04
N ALA F 233 14.74 -13.43 3.44
CA ALA F 233 13.65 -13.37 2.47
C ALA F 233 13.68 -12.01 1.78
N ILE F 234 13.66 -12.00 0.45
CA ILE F 234 13.53 -10.71 -0.24
C ILE F 234 12.05 -10.32 -0.32
N GLY F 235 11.20 -11.27 -0.73
CA GLY F 235 9.75 -10.96 -0.79
C GLY F 235 9.02 -12.19 -1.25
N LYS F 236 7.68 -12.12 -1.22
CA LYS F 236 6.91 -13.31 -1.57
C LYS F 236 5.55 -12.94 -2.09
N VAL F 237 4.85 -13.94 -2.65
CA VAL F 237 3.45 -13.79 -3.12
C VAL F 237 2.83 -15.16 -2.96
N PHE F 238 1.49 -15.22 -2.93
CA PHE F 238 0.84 -16.53 -3.06
C PHE F 238 -0.34 -16.41 -4.01
N VAL F 239 -0.69 -17.53 -4.60
CA VAL F 239 -1.84 -17.64 -5.48
C VAL F 239 -2.71 -18.75 -4.92
N GLY F 240 -4.00 -18.72 -5.31
CA GLY F 240 -4.91 -19.76 -4.88
C GLY F 240 -5.98 -19.27 -3.92
N TYR F 241 -6.25 -20.11 -2.92
CA TYR F 241 -7.33 -19.88 -1.94
C TYR F 241 -7.07 -18.60 -1.19
N ASN F 242 -8.05 -17.69 -1.21
CA ASN F 242 -7.94 -16.39 -0.54
C ASN F 242 -6.94 -15.44 -1.19
N SER F 243 -6.46 -15.74 -2.43
CA SER F 243 -5.58 -14.77 -3.06
C SER F 243 -6.40 -13.63 -3.62
N THR F 244 -5.74 -12.50 -3.90
CA THR F 244 -6.37 -11.25 -4.32
C THR F 244 -5.59 -10.65 -5.47
N GLY F 245 -6.17 -9.60 -6.06
CA GLY F 245 -5.32 -8.80 -7.00
C GLY F 245 -4.90 -9.56 -8.24
N ALA F 246 -3.68 -9.20 -8.72
CA ALA F 246 -3.09 -9.94 -9.86
C ALA F 246 -2.82 -11.43 -9.51
N GLU F 247 -2.72 -11.77 -8.24
CA GLU F 247 -2.50 -13.16 -7.86
C GLU F 247 -3.71 -14.02 -8.13
N LEU F 248 -4.88 -13.56 -7.66
CA LEU F 248 -6.08 -14.30 -7.98
C LEU F 248 -6.29 -14.35 -9.49
N ARG F 249 -6.06 -13.22 -10.16
CA ARG F 249 -6.23 -13.21 -11.61
CA ARG F 249 -6.16 -13.16 -11.61
C ARG F 249 -5.36 -14.29 -12.28
N HIS F 250 -4.14 -14.48 -11.84
CA HIS F 250 -3.33 -15.57 -12.43
C HIS F 250 -3.91 -16.95 -12.10
N TRP F 251 -4.30 -17.16 -10.85
CA TRP F 251 -4.90 -18.45 -10.49
C TRP F 251 -6.16 -18.76 -11.33
N SER F 252 -7.04 -17.76 -11.47
CA SER F 252 -8.27 -17.96 -12.23
C SER F 252 -7.96 -18.19 -13.71
N ASP F 253 -7.00 -17.45 -14.28
CA ASP F 253 -6.56 -17.78 -15.64
C ASP F 253 -6.11 -19.24 -15.77
N MET F 254 -5.33 -19.74 -14.81
CA MET F 254 -4.91 -21.14 -14.85
C MET F 254 -6.10 -22.08 -14.89
N LEU F 255 -7.07 -21.86 -13.98
CA LEU F 255 -8.23 -22.76 -13.91
C LEU F 255 -9.10 -22.63 -15.13
N ALA F 256 -9.22 -21.42 -15.68
CA ALA F 256 -9.92 -21.15 -16.94
C ALA F 256 -9.31 -21.83 -18.15
N ASN F 257 -8.08 -22.34 -18.08
CA ASN F 257 -7.34 -22.74 -19.28
C ASN F 257 -6.70 -24.09 -19.04
N PRO F 258 -7.50 -25.11 -18.73
CA PRO F 258 -6.92 -26.38 -18.31
C PRO F 258 -5.94 -26.87 -19.35
N ARG F 259 -4.93 -27.61 -18.88
CA ARG F 259 -3.89 -28.25 -19.70
C ARG F 259 -2.87 -27.27 -20.26
N ARG F 260 -3.11 -25.98 -20.14
CA ARG F 260 -2.34 -24.93 -20.76
C ARG F 260 -1.55 -24.14 -19.72
N PRO F 261 -0.24 -23.89 -19.93
CA PRO F 261 0.52 -23.09 -18.96
C PRO F 261 0.28 -21.61 -19.20
N ILE F 262 0.09 -20.86 -18.11
CA ILE F 262 -0.16 -19.43 -18.20
C ILE F 262 0.93 -18.73 -17.42
N ALA F 263 1.59 -17.73 -18.04
CA ALA F 263 2.72 -17.06 -17.41
C ALA F 263 2.30 -15.68 -16.99
N GLN F 264 2.77 -15.22 -15.82
CA GLN F 264 2.42 -13.86 -15.45
C GLN F 264 3.44 -13.29 -14.49
N TRP F 265 3.65 -11.96 -14.62
CA TRP F 265 4.48 -11.22 -13.69
C TRP F 265 3.70 -10.97 -12.38
N HIS F 266 4.44 -10.90 -11.26
CA HIS F 266 3.92 -10.58 -9.93
C HIS F 266 4.90 -9.67 -9.22
N THR F 267 4.35 -8.69 -8.54
CA THR F 267 5.13 -7.83 -7.66
C THR F 267 5.35 -8.51 -6.33
N LEU F 268 6.60 -8.53 -5.84
CA LEU F 268 6.89 -9.20 -4.57
C LEU F 268 6.36 -8.35 -3.42
N GLN F 269 5.78 -9.00 -2.44
CA GLN F 269 5.18 -8.35 -1.27
C GLN F 269 5.98 -8.68 -0.03
N VAL F 270 5.80 -7.86 1.00
CA VAL F 270 6.63 -7.95 2.21
C VAL F 270 6.32 -9.25 2.95
N GLU F 271 7.38 -9.97 3.34
CA GLU F 271 7.19 -11.31 3.91
C GLU F 271 6.23 -11.31 5.11
N GLU F 272 6.40 -10.36 6.03
CA GLU F 272 5.53 -10.36 7.23
C GLU F 272 4.07 -10.05 6.88
N GLU F 273 3.82 -9.19 5.88
CA GLU F 273 2.46 -8.90 5.44
C GLU F 273 1.78 -10.15 4.87
N VAL F 274 2.49 -10.85 3.98
CA VAL F 274 1.87 -12.01 3.35
C VAL F 274 1.67 -13.13 4.38
N ASP F 275 2.65 -13.31 5.27
CA ASP F 275 2.52 -14.35 6.27
C ASP F 275 1.28 -14.07 7.13
N ALA F 276 1.05 -12.81 7.49
CA ALA F 276 -0.19 -12.53 8.23
C ALA F 276 -1.41 -12.93 7.39
N MET F 277 -1.35 -12.72 6.06
CA MET F 277 -2.49 -13.16 5.25
C MET F 277 -2.61 -14.67 5.22
N LEU F 278 -1.51 -15.40 5.35
CA LEU F 278 -1.56 -16.85 5.18
C LEU F 278 -1.95 -17.55 6.49
N ALA F 279 -1.81 -16.85 7.63
CA ALA F 279 -2.18 -17.40 8.95
C ALA F 279 -3.68 -17.35 9.14
MG MG G . -19.67 15.92 6.98
C1 GOL H . -29.93 -8.47 -8.01
O1 GOL H . -29.99 -9.55 -8.90
C2 GOL H . -29.53 -7.15 -8.69
O2 GOL H . -29.65 -7.27 -10.12
C3 GOL H . -30.33 -6.00 -7.99
O3 GOL H . -30.36 -4.71 -8.58
C1 GOL I . 23.72 -7.22 -5.36
O1 GOL I . 24.38 -7.00 -4.13
C2 GOL I . 24.76 -7.64 -6.38
O2 GOL I . 24.77 -9.04 -6.52
C3 GOL I . 24.55 -6.92 -7.69
O3 GOL I . 25.43 -7.53 -8.61
C1 GOL J . 13.34 -31.10 -2.78
O1 GOL J . 13.76 -31.89 -1.68
C2 GOL J . 13.16 -29.66 -2.32
O2 GOL J . 13.61 -29.46 -0.96
C3 GOL J . 13.90 -28.86 -3.37
O3 GOL J . 13.21 -28.85 -4.64
C1 GOL K . -8.60 -24.28 2.45
O1 GOL K . -9.79 -23.81 3.05
C2 GOL K . -7.33 -23.68 3.07
O2 GOL K . -6.28 -23.48 2.12
C3 GOL K . -7.63 -22.41 3.87
O3 GOL K . -6.46 -21.77 4.36
C1 GOL L . -13.40 -25.16 0.25
O1 GOL L . -13.72 -26.50 0.65
C2 GOL L . -12.72 -25.20 -1.12
O2 GOL L . -13.04 -26.42 -1.75
C3 GOL L . -13.02 -23.99 -2.03
O3 GOL L . -13.20 -22.79 -1.29
#